data_8Y6Y
#
_entry.id   8Y6Y
#
_cell.length_a   1.00
_cell.length_b   1.00
_cell.length_c   1.00
_cell.angle_alpha   90.00
_cell.angle_beta   90.00
_cell.angle_gamma   90.00
#
_symmetry.space_group_name_H-M   'P 1'
#
loop_
_entity.id
_entity.type
_entity.pdbx_description
1 polymer 'Free fatty acid receptor 2,Soluble cytochrome b562'
2 non-polymer GLPG-0974
#
_entity_poly.entity_id   1
_entity_poly.type   'polypeptide(L)'
_entity_poly.pdbx_seq_one_letter_code
;MLPDWKSSLILMAYIIIFLTGLPANLLALRAFVGRIRQPQPAPVHILLLSLTLADLLLLLLLPFKIIEAASNFRWYLPKV
VCALTSFGFYSSIYCSTWLLAGISIERYLGVAFPVQYKLSRRPLYGVIAALVAWVMSFGHCTIVIIVQYLNTTEQVRSGN
EITCYENFTDNQLDVVLPVRLELCLVLFFIPMAVTIFCYWRFVWIMLSQPADLEDNWETLNDNLKVIEKADNAAQVKDAL
TKMRAAALDAQKATPPKLEDKSPDSPEMKDFRHGFDILVGQIDDALKLANEGKVKEAQAAAEQLKTTRNAYIQKYLLVGA
QRRRRAVGLAVVTLLNFLVCFGPYNVSHLVGYHQRKSPWWRSIAVVFSSLNASLDPLLFYFSSSVVRRAFGRGLQVLRNQ
GSSLLGRRGKDTAEGTNEDRGVGQGEGMPSSDFTTE
;
_entity_poly.pdbx_strand_id   A
#
# COMPACT_ATOMS: atom_id res chain seq x y z
N ASP A 4 7.09 25.93 10.03
CA ASP A 4 6.19 25.90 11.22
C ASP A 4 4.79 25.46 10.76
N TRP A 5 4.05 26.38 10.11
CA TRP A 5 2.73 26.08 9.58
C TRP A 5 2.86 25.07 8.45
N LYS A 6 3.97 25.15 7.71
CA LYS A 6 4.29 24.21 6.64
C LYS A 6 4.31 22.79 7.20
N SER A 7 4.90 22.64 8.39
CA SER A 7 4.98 21.35 9.07
C SER A 7 3.62 20.98 9.68
N SER A 8 2.98 21.95 10.34
CA SER A 8 1.71 21.71 11.02
C SER A 8 0.68 21.11 10.06
N LEU A 9 0.69 21.56 8.80
CA LEU A 9 -0.26 21.09 7.81
C LEU A 9 -0.11 19.58 7.59
N ILE A 10 1.13 19.08 7.54
CA ILE A 10 1.35 17.66 7.27
C ILE A 10 0.91 16.87 8.50
N LEU A 11 1.15 17.44 9.69
CA LEU A 11 0.73 16.85 10.96
C LEU A 11 -0.78 16.61 10.93
N MET A 12 -1.54 17.67 10.60
CA MET A 12 -2.99 17.61 10.64
C MET A 12 -3.51 16.69 9.53
N ALA A 13 -2.87 16.74 8.36
CA ALA A 13 -3.21 15.85 7.25
C ALA A 13 -3.04 14.39 7.69
N TYR A 14 -1.94 14.10 8.41
CA TYR A 14 -1.66 12.75 8.87
C TYR A 14 -2.67 12.34 9.94
N ILE A 15 -3.06 13.28 10.83
CA ILE A 15 -4.10 13.03 11.82
C ILE A 15 -5.39 12.67 11.09
N ILE A 16 -5.74 13.45 10.05
CA ILE A 16 -6.94 13.18 9.27
C ILE A 16 -6.85 11.77 8.70
N ILE A 17 -5.74 11.44 8.03
CA ILE A 17 -5.54 10.13 7.42
C ILE A 17 -5.72 9.06 8.49
N PHE A 18 -5.17 9.29 9.70
CA PHE A 18 -5.26 8.33 10.79
C PHE A 18 -6.72 8.16 11.21
N LEU A 19 -7.41 9.28 11.49
CA LEU A 19 -8.70 9.26 12.15
C LEU A 19 -9.80 8.93 11.14
N THR A 20 -9.52 9.13 9.85
CA THR A 20 -10.44 8.74 8.79
C THR A 20 -10.20 7.28 8.43
N GLY A 21 -8.91 6.89 8.35
CA GLY A 21 -8.52 5.57 7.89
C GLY A 21 -8.83 4.48 8.92
N LEU A 22 -8.23 4.61 10.11
CA LEU A 22 -8.19 3.51 11.09
C LEU A 22 -9.60 2.98 11.35
N PRO A 23 -10.63 3.81 11.64
CA PRO A 23 -11.99 3.28 11.85
C PRO A 23 -12.52 2.50 10.65
N ALA A 24 -12.32 3.04 9.44
CA ALA A 24 -12.80 2.41 8.22
C ALA A 24 -12.05 1.11 7.95
N ASN A 25 -10.75 1.10 8.28
CA ASN A 25 -9.89 -0.06 8.05
C ASN A 25 -10.22 -1.16 9.06
N LEU A 26 -10.52 -0.76 10.31
CA LEU A 26 -10.97 -1.69 11.33
C LEU A 26 -12.34 -2.25 10.95
N LEU A 27 -13.23 -1.37 10.47
CA LEU A 27 -14.55 -1.78 10.00
C LEU A 27 -14.39 -2.74 8.82
N ALA A 28 -13.40 -2.49 7.95
CA ALA A 28 -13.11 -3.37 6.83
C ALA A 28 -12.61 -4.72 7.32
N LEU A 29 -11.67 -4.70 8.28
CA LEU A 29 -11.12 -5.92 8.86
C LEU A 29 -12.26 -6.74 9.47
N ARG A 30 -13.11 -6.08 10.27
CA ARG A 30 -14.28 -6.72 10.86
C ARG A 30 -15.24 -7.18 9.78
N ALA A 31 -15.38 -6.41 8.71
CA ALA A 31 -16.27 -6.75 7.60
C ALA A 31 -15.83 -8.07 6.98
N PHE A 32 -14.52 -8.21 6.70
CA PHE A 32 -13.99 -9.44 6.12
C PHE A 32 -14.15 -10.58 7.12
N VAL A 33 -13.77 -10.35 8.39
CA VAL A 33 -13.96 -11.33 9.45
C VAL A 33 -15.43 -11.74 9.47
N GLY A 34 -16.34 -10.78 9.19
CA GLY A 34 -17.75 -11.08 9.01
C GLY A 34 -18.01 -11.85 7.72
N ARG A 35 -17.48 -11.33 6.60
CA ARG A 35 -17.70 -11.89 5.28
C ARG A 35 -17.23 -13.35 5.22
N ILE A 36 -16.21 -13.68 6.03
CA ILE A 36 -15.78 -15.05 6.21
C ILE A 36 -17.01 -15.95 6.36
N ARG A 37 -17.88 -15.65 7.35
CA ARG A 37 -18.96 -16.55 7.74
C ARG A 37 -18.37 -17.94 7.96
N GLN A 38 -18.59 -18.86 7.00
CA GLN A 38 -17.78 -20.07 6.87
C GLN A 38 -16.55 -19.69 6.04
N PRO A 39 -15.30 -19.81 6.58
CA PRO A 39 -14.12 -19.22 5.95
C PRO A 39 -14.21 -19.22 4.42
N GLN A 40 -14.20 -18.01 3.84
CA GLN A 40 -14.49 -17.77 2.44
C GLN A 40 -13.88 -18.84 1.53
N PRO A 41 -14.60 -19.30 0.48
CA PRO A 41 -14.00 -20.12 -0.57
C PRO A 41 -13.37 -19.32 -1.71
N ALA A 42 -13.45 -17.98 -1.62
CA ALA A 42 -13.08 -17.11 -2.73
C ALA A 42 -11.66 -16.58 -2.54
N PRO A 43 -10.75 -16.76 -3.54
CA PRO A 43 -9.36 -16.30 -3.39
C PRO A 43 -9.24 -14.78 -3.29
N VAL A 44 -10.18 -14.04 -3.90
CA VAL A 44 -10.19 -12.59 -3.88
C VAL A 44 -10.27 -12.12 -2.42
N HIS A 45 -11.20 -12.68 -1.64
CA HIS A 45 -11.54 -12.17 -0.32
C HIS A 45 -10.36 -12.35 0.65
N ILE A 46 -9.50 -13.34 0.39
CA ILE A 46 -8.33 -13.58 1.22
C ILE A 46 -7.28 -12.50 0.92
N LEU A 47 -6.99 -12.27 -0.37
CA LEU A 47 -5.97 -11.31 -0.77
C LEU A 47 -6.31 -9.94 -0.22
N LEU A 48 -7.58 -9.54 -0.31
CA LEU A 48 -8.03 -8.24 0.19
C LEU A 48 -7.76 -8.13 1.69
N LEU A 49 -7.99 -9.21 2.44
CA LEU A 49 -7.77 -9.21 3.88
C LEU A 49 -6.32 -8.83 4.18
N SER A 50 -5.37 -9.39 3.40
CA SER A 50 -3.95 -9.10 3.57
C SER A 50 -3.70 -7.60 3.42
N LEU A 51 -4.34 -6.99 2.42
CA LEU A 51 -4.18 -5.56 2.17
C LEU A 51 -4.65 -4.77 3.39
N THR A 52 -5.75 -5.22 4.02
CA THR A 52 -6.30 -4.55 5.19
C THR A 52 -5.30 -4.63 6.33
N LEU A 53 -4.63 -5.79 6.47
CA LEU A 53 -3.64 -6.00 7.52
C LEU A 53 -2.41 -5.13 7.25
N ALA A 54 -2.01 -5.05 5.97
CA ALA A 54 -0.88 -4.21 5.56
C ALA A 54 -1.19 -2.74 5.83
N ASP A 55 -2.44 -2.33 5.60
CA ASP A 55 -2.88 -0.97 5.87
C ASP A 55 -2.85 -0.72 7.39
N LEU A 56 -3.47 -1.63 8.15
CA LEU A 56 -3.51 -1.54 9.60
C LEU A 56 -2.09 -1.36 10.15
N LEU A 57 -1.15 -2.17 9.64
CA LEU A 57 0.24 -2.13 10.06
C LEU A 57 0.80 -0.72 9.91
N LEU A 58 0.46 -0.06 8.79
CA LEU A 58 0.95 1.28 8.49
C LEU A 58 0.22 2.30 9.36
N LEU A 59 -1.12 2.19 9.44
CA LEU A 59 -1.95 3.18 10.11
C LEU A 59 -1.68 3.20 11.61
N LEU A 60 -1.33 2.04 12.20
CA LEU A 60 -1.08 1.98 13.64
C LEU A 60 0.28 2.62 13.96
N LEU A 61 1.19 2.62 12.99
CA LEU A 61 2.53 3.18 13.17
C LEU A 61 2.59 4.61 12.66
N LEU A 62 1.52 5.04 11.97
CA LEU A 62 1.41 6.38 11.39
C LEU A 62 1.61 7.47 12.45
N PRO A 63 0.98 7.42 13.66
CA PRO A 63 1.05 8.53 14.60
C PRO A 63 2.45 9.04 14.91
N PHE A 64 3.45 8.14 14.85
CA PHE A 64 4.84 8.52 15.03
C PHE A 64 5.13 9.78 14.21
N LYS A 65 4.64 9.81 12.96
CA LYS A 65 4.92 10.89 12.03
C LYS A 65 4.32 12.21 12.52
N ILE A 66 3.10 12.16 13.08
CA ILE A 66 2.43 13.38 13.52
C ILE A 66 3.25 13.98 14.66
N ILE A 67 3.81 13.11 15.52
CA ILE A 67 4.61 13.53 16.65
C ILE A 67 5.88 14.21 16.11
N GLU A 68 6.46 13.63 15.05
CA GLU A 68 7.67 14.19 14.44
C GLU A 68 7.37 15.59 13.90
N ALA A 69 6.26 15.71 13.14
CA ALA A 69 5.94 16.92 12.41
C ALA A 69 5.76 18.09 13.37
N ALA A 70 5.35 17.81 14.62
CA ALA A 70 5.24 18.81 15.66
C ALA A 70 6.63 19.33 16.04
N SER A 71 7.58 18.40 16.24
CA SER A 71 8.84 18.70 16.88
C SER A 71 9.95 18.92 15.84
N ASN A 72 9.58 19.32 14.62
CA ASN A 72 10.54 19.72 13.60
C ASN A 72 11.56 18.60 13.41
N PHE A 73 11.09 17.34 13.54
CA PHE A 73 11.94 16.15 13.50
C PHE A 73 13.17 16.37 14.38
N ARG A 74 12.95 16.59 15.68
CA ARG A 74 14.01 16.89 16.63
C ARG A 74 14.30 15.65 17.49
N TRP A 75 13.26 15.10 18.14
CA TRP A 75 13.42 13.97 19.04
C TRP A 75 14.28 12.89 18.39
N TYR A 76 15.37 12.51 19.08
CA TYR A 76 16.35 11.58 18.54
C TYR A 76 15.98 10.16 18.98
N LEU A 77 15.81 9.26 18.00
CA LEU A 77 15.48 7.87 18.25
C LEU A 77 16.74 7.02 18.06
N PRO A 78 16.94 5.93 18.85
CA PRO A 78 18.01 4.97 18.59
C PRO A 78 17.96 4.39 17.18
N LYS A 79 19.14 4.02 16.65
CA LYS A 79 19.29 3.50 15.30
C LYS A 79 18.42 2.25 15.10
N VAL A 80 18.25 1.47 16.17
CA VAL A 80 17.39 0.29 16.14
C VAL A 80 15.95 0.74 15.90
N VAL A 81 15.47 1.70 16.71
CA VAL A 81 14.10 2.18 16.63
C VAL A 81 13.85 2.75 15.24
N CYS A 82 14.82 3.57 14.77
CA CYS A 82 14.77 4.17 13.44
C CYS A 82 14.63 3.09 12.37
N ALA A 83 15.35 1.98 12.54
CA ALA A 83 15.35 0.89 11.56
C ALA A 83 14.03 0.13 11.60
N LEU A 84 13.53 -0.17 12.81
CA LEU A 84 12.30 -0.93 12.98
C LEU A 84 11.14 -0.19 12.31
N THR A 85 11.05 1.13 12.54
CA THR A 85 9.97 1.94 12.02
C THR A 85 10.07 2.04 10.49
N SER A 86 11.30 2.20 9.98
CA SER A 86 11.53 2.28 8.54
C SER A 86 11.08 0.97 7.88
N PHE A 87 11.50 -0.16 8.45
CA PHE A 87 11.12 -1.48 7.95
C PHE A 87 9.60 -1.62 7.99
N GLY A 88 8.99 -1.17 9.09
CA GLY A 88 7.54 -1.20 9.26
C GLY A 88 6.83 -0.58 8.06
N PHE A 89 7.29 0.59 7.61
CA PHE A 89 6.69 1.29 6.49
C PHE A 89 6.95 0.52 5.19
N TYR A 90 8.23 0.31 4.86
CA TYR A 90 8.63 -0.30 3.60
C TYR A 90 7.74 -1.53 3.32
N SER A 91 7.66 -2.43 4.31
CA SER A 91 6.92 -3.69 4.18
C SER A 91 5.53 -3.44 3.61
N SER A 92 4.79 -2.50 4.22
CA SER A 92 3.39 -2.25 3.89
C SER A 92 3.22 -1.88 2.42
N ILE A 93 4.06 -0.94 1.93
CA ILE A 93 3.89 -0.35 0.62
C ILE A 93 4.11 -1.43 -0.45
N TYR A 94 5.25 -2.11 -0.37
CA TYR A 94 5.69 -3.01 -1.43
C TYR A 94 4.92 -4.33 -1.35
N CYS A 95 4.35 -4.64 -0.17
CA CYS A 95 3.39 -5.73 -0.06
C CYS A 95 2.09 -5.33 -0.78
N SER A 96 1.63 -4.10 -0.56
CA SER A 96 0.39 -3.61 -1.12
C SER A 96 0.43 -3.64 -2.65
N THR A 97 1.57 -3.23 -3.23
CA THR A 97 1.71 -3.16 -4.68
C THR A 97 1.47 -4.54 -5.29
N TRP A 98 2.14 -5.57 -4.76
CA TRP A 98 2.04 -6.92 -5.30
C TRP A 98 0.66 -7.51 -5.02
N LEU A 99 0.04 -7.12 -3.88
CA LEU A 99 -1.32 -7.56 -3.58
C LEU A 99 -2.29 -6.97 -4.59
N LEU A 100 -2.15 -5.68 -4.90
CA LEU A 100 -3.00 -5.01 -5.87
C LEU A 100 -2.81 -5.64 -7.26
N ALA A 101 -1.56 -6.00 -7.58
CA ALA A 101 -1.26 -6.74 -8.80
C ALA A 101 -1.95 -8.10 -8.78
N GLY A 102 -1.90 -8.78 -7.63
CA GLY A 102 -2.57 -10.06 -7.44
C GLY A 102 -4.07 -9.95 -7.63
N ILE A 103 -4.66 -8.83 -7.17
CA ILE A 103 -6.08 -8.58 -7.34
C ILE A 103 -6.37 -8.38 -8.83
N SER A 104 -5.53 -7.57 -9.51
CA SER A 104 -5.69 -7.34 -10.94
C SER A 104 -5.68 -8.67 -11.69
N ILE A 105 -4.75 -9.56 -11.32
CA ILE A 105 -4.70 -10.92 -11.86
C ILE A 105 -6.02 -11.62 -11.57
N GLU A 106 -6.46 -11.58 -10.30
CA GLU A 106 -7.61 -12.35 -9.85
C GLU A 106 -8.86 -11.95 -10.62
N ARG A 107 -9.10 -10.64 -10.77
CA ARG A 107 -10.32 -10.16 -11.41
C ARG A 107 -10.34 -10.57 -12.89
N TYR A 108 -9.21 -10.35 -13.58
CA TYR A 108 -9.10 -10.68 -14.99
C TYR A 108 -9.26 -12.20 -15.18
N LEU A 109 -8.41 -12.98 -14.52
CA LEU A 109 -8.36 -14.42 -14.70
C LEU A 109 -9.66 -15.06 -14.22
N GLY A 110 -10.27 -14.47 -13.18
CA GLY A 110 -11.51 -14.97 -12.61
C GLY A 110 -12.70 -14.75 -13.53
N VAL A 111 -12.96 -13.49 -13.90
CA VAL A 111 -14.15 -13.13 -14.64
C VAL A 111 -13.96 -13.53 -16.11
N ALA A 112 -12.93 -12.99 -16.76
CA ALA A 112 -12.60 -13.38 -18.12
C ALA A 112 -11.91 -14.74 -18.10
N PHE A 113 -12.15 -15.55 -19.14
CA PHE A 113 -11.75 -16.95 -19.17
C PHE A 113 -12.27 -17.62 -17.90
N PRO A 114 -13.61 -17.71 -17.70
CA PRO A 114 -14.16 -18.20 -16.43
C PRO A 114 -14.12 -19.72 -16.23
N VAL A 115 -13.84 -20.46 -17.32
CA VAL A 115 -13.81 -21.92 -17.27
C VAL A 115 -12.81 -22.35 -16.19
N GLN A 116 -11.62 -21.73 -16.20
CA GLN A 116 -10.58 -22.02 -15.22
C GLN A 116 -11.05 -21.67 -13.81
N TYR A 117 -11.79 -20.55 -13.68
CA TYR A 117 -12.26 -20.10 -12.38
C TYR A 117 -13.31 -21.06 -11.84
N LYS A 118 -14.13 -21.62 -12.74
CA LYS A 118 -15.16 -22.58 -12.38
C LYS A 118 -14.52 -23.82 -11.76
N LEU A 119 -13.43 -24.30 -12.37
CA LEU A 119 -12.69 -25.44 -11.85
C LEU A 119 -11.92 -25.03 -10.60
N SER A 120 -11.17 -23.92 -10.69
CA SER A 120 -10.37 -23.41 -9.60
C SER A 120 -11.13 -22.32 -8.85
N ARG A 121 -12.20 -22.73 -8.16
CA ARG A 121 -12.96 -21.85 -7.27
C ARG A 121 -12.61 -22.15 -5.81
N ARG A 122 -11.50 -22.86 -5.60
CA ARG A 122 -11.04 -23.23 -4.27
C ARG A 122 -10.20 -22.09 -3.69
N PRO A 123 -10.26 -21.82 -2.36
CA PRO A 123 -9.52 -20.70 -1.77
C PRO A 123 -8.00 -20.92 -1.64
N LEU A 124 -7.58 -22.19 -1.53
CA LEU A 124 -6.22 -22.52 -1.16
C LEU A 124 -5.24 -22.12 -2.27
N TYR A 125 -5.70 -22.18 -3.53
CA TYR A 125 -4.89 -21.76 -4.66
C TYR A 125 -4.56 -20.27 -4.55
N GLY A 126 -5.43 -19.52 -3.86
CA GLY A 126 -5.25 -18.08 -3.68
C GLY A 126 -4.21 -17.75 -2.61
N VAL A 127 -4.22 -18.49 -1.48
CA VAL A 127 -3.51 -18.07 -0.29
C VAL A 127 -2.04 -17.83 -0.62
N ILE A 128 -1.46 -18.69 -1.48
CA ILE A 128 -0.04 -18.64 -1.79
C ILE A 128 0.34 -17.24 -2.27
N ALA A 129 -0.53 -16.60 -3.07
CA ALA A 129 -0.24 -15.29 -3.64
C ALA A 129 0.03 -14.27 -2.54
N ALA A 130 -0.76 -14.32 -1.46
CA ALA A 130 -0.59 -13.42 -0.33
C ALA A 130 0.75 -13.71 0.37
N LEU A 131 1.09 -15.00 0.51
CA LEU A 131 2.33 -15.40 1.14
C LEU A 131 3.52 -14.95 0.28
N VAL A 132 3.39 -15.12 -1.04
CA VAL A 132 4.42 -14.68 -1.99
C VAL A 132 4.61 -13.18 -1.84
N ALA A 133 3.51 -12.42 -1.77
CA ALA A 133 3.56 -10.98 -1.62
C ALA A 133 4.30 -10.61 -0.33
N TRP A 134 3.95 -11.28 0.78
CA TRP A 134 4.57 -11.02 2.08
C TRP A 134 6.06 -11.36 2.05
N VAL A 135 6.40 -12.54 1.51
CA VAL A 135 7.78 -13.02 1.49
C VAL A 135 8.61 -12.09 0.61
N MET A 136 8.08 -11.74 -0.58
CA MET A 136 8.79 -10.85 -1.49
C MET A 136 9.03 -9.50 -0.81
N SER A 137 7.99 -8.97 -0.16
CA SER A 137 8.08 -7.67 0.51
C SER A 137 9.12 -7.73 1.62
N PHE A 138 8.90 -8.59 2.61
CA PHE A 138 9.78 -8.70 3.77
C PHE A 138 11.21 -8.98 3.29
N GLY A 139 11.37 -10.04 2.48
CA GLY A 139 12.67 -10.53 2.06
C GLY A 139 13.52 -9.43 1.42
N HIS A 140 12.94 -8.67 0.49
CA HIS A 140 13.67 -7.67 -0.27
C HIS A 140 13.87 -6.42 0.58
N CYS A 141 12.82 -6.01 1.32
CA CYS A 141 12.88 -4.82 2.16
C CYS A 141 13.98 -4.96 3.23
N THR A 142 14.16 -6.17 3.76
CA THR A 142 15.17 -6.42 4.79
C THR A 142 16.55 -5.96 4.30
N ILE A 143 16.84 -6.20 3.01
CA ILE A 143 18.14 -5.87 2.44
C ILE A 143 18.41 -4.37 2.67
N VAL A 144 17.38 -3.54 2.50
CA VAL A 144 17.53 -2.09 2.61
C VAL A 144 18.11 -1.77 3.99
N ILE A 145 17.47 -2.27 5.05
CA ILE A 145 17.84 -1.89 6.42
C ILE A 145 19.18 -2.55 6.79
N ILE A 146 19.49 -3.70 6.18
CA ILE A 146 20.79 -4.33 6.35
C ILE A 146 21.88 -3.39 5.83
N VAL A 147 21.68 -2.85 4.62
CA VAL A 147 22.69 -2.06 3.95
C VAL A 147 22.85 -0.73 4.70
N GLN A 148 21.75 -0.01 4.92
CA GLN A 148 21.82 1.37 5.41
C GLN A 148 22.17 1.38 6.90
N TYR A 149 21.70 0.39 7.67
CA TYR A 149 22.02 0.28 9.09
C TYR A 149 22.83 -0.98 9.34
N LEU A 150 24.13 -0.80 9.62
CA LEU A 150 25.05 -1.89 9.96
C LEU A 150 24.99 -2.96 8.87
N SER A 158 25.84 15.92 18.15
CA SER A 158 25.01 16.34 16.98
C SER A 158 23.63 16.77 17.46
N GLY A 159 23.24 18.00 17.09
CA GLY A 159 21.93 18.53 17.43
C GLY A 159 21.27 19.17 16.20
N ASN A 160 21.18 18.39 15.12
CA ASN A 160 20.61 18.86 13.86
C ASN A 160 19.11 18.57 13.84
N GLU A 161 18.38 19.35 13.03
CA GLU A 161 16.93 19.22 12.91
C GLU A 161 16.61 18.06 11.96
N ILE A 162 16.75 16.83 12.46
CA ILE A 162 16.52 15.63 11.68
C ILE A 162 16.27 14.46 12.63
N THR A 163 15.13 13.79 12.45
CA THR A 163 14.75 12.65 13.28
C THR A 163 15.71 11.49 13.04
N CYS A 164 16.13 11.31 11.78
CA CYS A 164 17.16 10.36 11.40
C CYS A 164 17.91 10.91 10.19
N TYR A 165 18.97 11.69 10.45
CA TYR A 165 19.79 12.26 9.39
C TYR A 165 20.47 11.12 8.64
N GLU A 166 20.41 11.17 7.31
CA GLU A 166 20.87 10.08 6.46
C GLU A 166 22.03 10.55 5.59
N ASN A 167 23.15 10.85 6.26
CA ASN A 167 24.40 11.19 5.59
C ASN A 167 24.99 9.93 4.93
N PHE A 168 24.81 8.77 5.60
CA PHE A 168 25.41 7.52 5.19
C PHE A 168 26.92 7.76 5.00
N THR A 169 27.49 7.25 3.89
CA THR A 169 28.88 7.47 3.55
C THR A 169 28.99 7.51 2.03
N ASP A 170 29.97 8.27 1.52
CA ASP A 170 30.14 8.46 0.09
C ASP A 170 30.30 7.10 -0.62
N ASN A 171 31.00 6.16 0.04
CA ASN A 171 31.14 4.81 -0.48
C ASN A 171 29.79 4.07 -0.38
N GLN A 172 29.12 4.20 0.78
CA GLN A 172 27.84 3.54 1.02
C GLN A 172 26.80 4.03 0.02
N LEU A 173 26.85 5.33 -0.32
CA LEU A 173 25.93 5.92 -1.28
C LEU A 173 25.92 5.11 -2.57
N ASP A 174 27.11 4.68 -3.02
CA ASP A 174 27.27 3.95 -4.27
C ASP A 174 26.67 2.55 -4.16
N VAL A 175 26.48 2.05 -2.93
CA VAL A 175 25.86 0.75 -2.68
C VAL A 175 24.36 0.93 -2.43
N VAL A 176 23.99 1.99 -1.69
CA VAL A 176 22.63 2.19 -1.24
C VAL A 176 21.72 2.44 -2.43
N LEU A 177 22.05 3.44 -3.26
CA LEU A 177 21.13 3.92 -4.30
C LEU A 177 20.72 2.76 -5.21
N PRO A 178 21.65 1.94 -5.77
CA PRO A 178 21.25 0.76 -6.56
C PRO A 178 20.14 -0.10 -5.94
N VAL A 179 20.18 -0.26 -4.61
CA VAL A 179 19.20 -1.08 -3.90
C VAL A 179 17.85 -0.38 -3.97
N ARG A 180 17.83 0.94 -3.71
CA ARG A 180 16.59 1.71 -3.76
C ARG A 180 16.01 1.66 -5.17
N LEU A 181 16.86 1.72 -6.20
CA LEU A 181 16.42 1.63 -7.58
C LEU A 181 15.91 0.22 -7.87
N GLU A 182 16.58 -0.80 -7.31
CA GLU A 182 16.18 -2.19 -7.51
C GLU A 182 14.76 -2.39 -6.98
N LEU A 183 14.49 -1.93 -5.75
CA LEU A 183 13.16 -2.00 -5.18
C LEU A 183 12.20 -1.18 -6.03
N CYS A 184 12.59 0.06 -6.37
CA CYS A 184 11.76 0.94 -7.18
C CYS A 184 11.29 0.23 -8.45
N LEU A 185 12.21 -0.48 -9.11
CA LEU A 185 11.92 -1.13 -10.39
C LEU A 185 11.05 -2.36 -10.15
N VAL A 186 11.54 -3.29 -9.32
CA VAL A 186 10.99 -4.64 -9.25
C VAL A 186 9.68 -4.62 -8.45
N LEU A 187 9.61 -3.80 -7.40
CA LEU A 187 8.49 -3.83 -6.46
C LEU A 187 7.43 -2.78 -6.82
N PHE A 188 7.63 -2.02 -7.92
CA PHE A 188 6.64 -1.04 -8.33
C PHE A 188 6.46 -1.07 -9.86
N PHE A 189 7.53 -0.78 -10.60
CA PHE A 189 7.42 -0.57 -12.05
C PHE A 189 6.98 -1.86 -12.75
N ILE A 190 7.31 -3.03 -12.17
CA ILE A 190 6.86 -4.30 -12.72
C ILE A 190 5.38 -4.50 -12.37
N PRO A 191 4.94 -4.47 -11.07
CA PRO A 191 3.51 -4.45 -10.76
C PRO A 191 2.67 -3.49 -11.61
N MET A 192 3.21 -2.30 -11.89
CA MET A 192 2.53 -1.30 -12.71
C MET A 192 2.20 -1.92 -14.08
N ALA A 193 3.19 -2.58 -14.69
CA ALA A 193 3.05 -3.15 -16.03
C ALA A 193 1.98 -4.25 -16.04
N VAL A 194 1.87 -4.99 -14.93
CA VAL A 194 0.89 -6.06 -14.82
C VAL A 194 -0.49 -5.44 -14.60
N THR A 195 -0.60 -4.55 -13.62
CA THR A 195 -1.88 -3.99 -13.19
C THR A 195 -2.62 -3.40 -14.39
N ILE A 196 -1.91 -2.60 -15.21
CA ILE A 196 -2.53 -1.90 -16.34
C ILE A 196 -2.90 -2.93 -17.42
N PHE A 197 -2.08 -3.98 -17.57
CA PHE A 197 -2.30 -4.99 -18.60
C PHE A 197 -3.58 -5.76 -18.30
N CYS A 198 -3.80 -6.09 -17.03
CA CYS A 198 -4.96 -6.84 -16.61
C CYS A 198 -6.22 -5.98 -16.71
N TYR A 199 -6.20 -4.80 -16.07
CA TYR A 199 -7.40 -4.00 -15.92
C TYR A 199 -7.87 -3.45 -17.27
N TRP A 200 -6.94 -3.12 -18.16
CA TRP A 200 -7.29 -2.68 -19.51
C TRP A 200 -8.17 -3.74 -20.19
N ARG A 201 -7.85 -5.02 -19.97
CA ARG A 201 -8.61 -6.12 -20.54
C ARG A 201 -9.90 -6.32 -19.75
N PHE A 202 -9.78 -6.37 -18.41
CA PHE A 202 -10.92 -6.63 -17.54
C PHE A 202 -12.05 -5.63 -17.83
N VAL A 203 -11.70 -4.34 -17.92
CA VAL A 203 -12.68 -3.29 -18.18
C VAL A 203 -13.31 -3.52 -19.56
N TRP A 204 -12.48 -3.91 -20.55
CA TRP A 204 -12.95 -4.16 -21.90
C TRP A 204 -13.95 -5.32 -21.91
N ILE A 205 -13.64 -6.37 -21.15
CA ILE A 205 -14.50 -7.54 -21.04
C ILE A 205 -15.83 -7.14 -20.38
N MET A 206 -15.74 -6.34 -19.30
CA MET A 206 -16.92 -5.89 -18.58
C MET A 206 -17.77 -4.96 -19.45
N LEU A 207 -17.12 -4.14 -20.27
CA LEU A 207 -17.82 -3.20 -21.15
C LEU A 207 -18.52 -3.96 -22.26
N SER A 208 -17.81 -4.93 -22.88
CA SER A 208 -18.36 -5.72 -23.97
C SER A 208 -19.49 -6.62 -23.46
N VAL A 318 -28.69 -4.02 -12.13
CA VAL A 318 -27.55 -4.79 -11.55
C VAL A 318 -26.34 -4.68 -12.47
N GLY A 319 -26.55 -4.75 -13.79
CA GLY A 319 -25.48 -4.64 -14.77
C GLY A 319 -24.73 -3.32 -14.64
N ALA A 320 -25.47 -2.22 -14.45
CA ALA A 320 -24.90 -0.90 -14.26
C ALA A 320 -24.08 -0.86 -12.96
N GLN A 321 -24.61 -1.51 -11.91
CA GLN A 321 -23.93 -1.56 -10.62
C GLN A 321 -22.62 -2.34 -10.78
N ARG A 322 -22.68 -3.49 -11.45
CA ARG A 322 -21.52 -4.31 -11.74
C ARG A 322 -20.49 -3.50 -12.53
N ARG A 323 -20.96 -2.76 -13.54
CA ARG A 323 -20.10 -1.94 -14.38
C ARG A 323 -19.41 -0.87 -13.54
N ARG A 324 -20.18 -0.15 -12.72
CA ARG A 324 -19.68 0.94 -11.91
C ARG A 324 -18.67 0.41 -10.88
N ARG A 325 -18.98 -0.74 -10.28
CA ARG A 325 -18.07 -1.41 -9.37
C ARG A 325 -16.76 -1.75 -10.09
N ALA A 326 -16.87 -2.39 -11.27
CA ALA A 326 -15.72 -2.89 -12.00
C ALA A 326 -14.82 -1.74 -12.45
N VAL A 327 -15.42 -0.67 -13.00
CA VAL A 327 -14.68 0.49 -13.45
C VAL A 327 -14.05 1.17 -12.23
N GLY A 328 -14.88 1.49 -11.23
CA GLY A 328 -14.42 2.13 -10.01
C GLY A 328 -13.21 1.43 -9.42
N LEU A 329 -13.27 0.09 -9.35
CA LEU A 329 -12.17 -0.72 -8.83
C LEU A 329 -10.88 -0.42 -9.61
N ALA A 330 -10.98 -0.41 -10.94
CA ALA A 330 -9.82 -0.19 -11.81
C ALA A 330 -9.29 1.24 -11.64
N VAL A 331 -10.21 2.21 -11.53
CA VAL A 331 -9.85 3.61 -11.36
C VAL A 331 -9.03 3.75 -10.08
N VAL A 332 -9.50 3.14 -8.98
CA VAL A 332 -8.84 3.26 -7.69
C VAL A 332 -7.42 2.70 -7.80
N THR A 333 -7.27 1.49 -8.36
CA THR A 333 -5.98 0.82 -8.43
C THR A 333 -5.01 1.65 -9.27
N LEU A 334 -5.47 2.15 -10.42
CA LEU A 334 -4.67 3.02 -11.26
C LEU A 334 -4.24 4.25 -10.45
N LEU A 335 -5.22 4.95 -9.86
CA LEU A 335 -4.98 6.19 -9.13
C LEU A 335 -3.88 5.96 -8.08
N ASN A 336 -4.00 4.88 -7.29
CA ASN A 336 -3.06 4.58 -6.23
C ASN A 336 -1.62 4.64 -6.74
N PHE A 337 -1.36 3.98 -7.89
CA PHE A 337 0.00 3.85 -8.40
C PHE A 337 0.54 5.22 -8.81
N LEU A 338 -0.30 6.06 -9.42
CA LEU A 338 0.13 7.34 -9.96
C LEU A 338 0.25 8.36 -8.83
N VAL A 339 -0.80 8.49 -8.02
CA VAL A 339 -0.91 9.58 -7.06
C VAL A 339 -0.19 9.20 -5.77
N CYS A 340 -0.51 8.02 -5.22
CA CYS A 340 -0.09 7.66 -3.88
C CYS A 340 1.36 7.14 -3.89
N PHE A 341 1.64 6.14 -4.73
CA PHE A 341 2.92 5.45 -4.71
C PHE A 341 3.91 6.10 -5.68
N GLY A 342 3.39 6.81 -6.70
CA GLY A 342 4.22 7.39 -7.75
C GLY A 342 5.35 8.25 -7.20
N PRO A 343 5.07 9.44 -6.61
CA PRO A 343 6.12 10.43 -6.33
C PRO A 343 7.28 9.91 -5.48
N TYR A 344 6.98 8.99 -4.55
CA TYR A 344 7.98 8.39 -3.69
C TYR A 344 8.96 7.57 -4.54
N ASN A 345 8.42 6.76 -5.46
CA ASN A 345 9.22 5.87 -6.28
C ASN A 345 9.95 6.66 -7.36
N VAL A 346 9.38 7.81 -7.77
CA VAL A 346 10.07 8.73 -8.67
C VAL A 346 11.25 9.35 -7.92
N SER A 347 11.00 9.79 -6.67
CA SER A 347 12.01 10.44 -5.85
C SER A 347 13.24 9.57 -5.70
N HIS A 348 13.05 8.26 -5.58
CA HIS A 348 14.15 7.30 -5.54
C HIS A 348 14.98 7.38 -6.81
N LEU A 349 14.31 7.37 -7.97
CA LEU A 349 14.98 7.35 -9.27
C LEU A 349 15.77 8.64 -9.47
N VAL A 350 15.20 9.78 -9.03
CA VAL A 350 15.86 11.07 -9.11
C VAL A 350 17.21 10.99 -8.39
N GLY A 351 17.29 10.12 -7.37
CA GLY A 351 18.53 9.85 -6.65
C GLY A 351 19.75 9.70 -7.57
N TYR A 352 19.58 9.02 -8.71
CA TYR A 352 20.67 8.82 -9.65
C TYR A 352 21.07 10.14 -10.30
N HIS A 353 20.08 10.97 -10.66
CA HIS A 353 20.35 12.25 -11.32
C HIS A 353 21.10 13.19 -10.37
N GLN A 354 20.60 13.31 -9.13
CA GLN A 354 21.05 14.35 -8.22
C GLN A 354 22.22 13.86 -7.37
N ARG A 355 22.23 12.56 -7.02
CA ARG A 355 23.18 11.98 -6.07
C ARG A 355 22.99 12.68 -4.72
N LYS A 356 21.73 12.85 -4.32
CA LYS A 356 21.35 13.55 -3.11
C LYS A 356 19.87 13.28 -2.84
N SER A 357 19.51 13.08 -1.56
CA SER A 357 18.13 12.83 -1.18
C SER A 357 17.29 14.07 -1.43
N PRO A 358 16.27 14.04 -2.34
CA PRO A 358 15.45 15.22 -2.62
C PRO A 358 14.71 15.76 -1.40
N TRP A 359 14.51 17.09 -1.37
CA TRP A 359 13.91 17.78 -0.24
C TRP A 359 12.44 17.41 -0.09
N TRP A 360 11.82 17.00 -1.21
CA TRP A 360 10.39 16.73 -1.25
C TRP A 360 10.09 15.24 -0.99
N ARG A 361 11.09 14.51 -0.47
CA ARG A 361 10.89 13.15 0.00
C ARG A 361 9.80 13.12 1.08
N SER A 362 9.92 14.02 2.07
CA SER A 362 8.96 14.12 3.17
C SER A 362 7.56 14.40 2.63
N ILE A 363 7.47 15.18 1.55
CA ILE A 363 6.20 15.50 0.91
C ILE A 363 5.68 14.24 0.20
N ALA A 364 6.57 13.55 -0.53
CA ALA A 364 6.22 12.34 -1.26
C ALA A 364 5.65 11.28 -0.32
N VAL A 365 6.22 11.20 0.90
CA VAL A 365 5.79 10.22 1.90
C VAL A 365 4.31 10.43 2.22
N VAL A 366 3.85 11.69 2.26
CA VAL A 366 2.45 12.00 2.53
C VAL A 366 1.58 11.12 1.62
N PHE A 367 1.90 11.13 0.32
CA PHE A 367 1.11 10.43 -0.68
C PHE A 367 1.13 8.92 -0.40
N SER A 368 2.28 8.40 0.04
CA SER A 368 2.45 6.99 0.34
C SER A 368 1.51 6.57 1.48
N SER A 369 1.25 7.50 2.42
CA SER A 369 0.31 7.24 3.51
C SER A 369 -1.13 7.40 3.02
N LEU A 370 -1.34 8.37 2.12
CA LEU A 370 -2.66 8.72 1.62
C LEU A 370 -3.39 7.47 1.11
N ASN A 371 -2.64 6.51 0.54
CA ASN A 371 -3.22 5.28 0.00
C ASN A 371 -4.17 4.64 1.03
N ALA A 372 -3.79 4.69 2.31
CA ALA A 372 -4.53 4.00 3.37
C ALA A 372 -5.94 4.58 3.51
N SER A 373 -6.15 5.82 3.06
CA SER A 373 -7.46 6.45 3.09
C SER A 373 -8.31 5.98 1.90
N LEU A 374 -7.67 5.69 0.77
CA LEU A 374 -8.38 5.39 -0.48
C LEU A 374 -8.54 3.88 -0.66
N ASP A 375 -7.75 3.07 0.06
CA ASP A 375 -7.84 1.62 -0.02
C ASP A 375 -9.23 1.15 0.42
N PRO A 376 -9.83 1.66 1.53
CA PRO A 376 -11.21 1.32 1.88
C PRO A 376 -12.19 1.23 0.71
N LEU A 377 -12.11 2.18 -0.23
CA LEU A 377 -13.01 2.22 -1.37
C LEU A 377 -12.89 0.94 -2.20
N LEU A 378 -11.66 0.45 -2.37
CA LEU A 378 -11.40 -0.80 -3.09
C LEU A 378 -12.33 -1.89 -2.57
N PHE A 379 -12.44 -1.99 -1.23
CA PHE A 379 -13.21 -3.05 -0.60
C PHE A 379 -14.69 -2.86 -0.89
N TYR A 380 -15.15 -1.59 -0.88
CA TYR A 380 -16.54 -1.27 -1.12
C TYR A 380 -16.92 -1.66 -2.54
N PHE A 381 -16.06 -1.32 -3.52
CA PHE A 381 -16.31 -1.62 -4.92
C PHE A 381 -16.21 -3.13 -5.16
N SER A 382 -15.29 -3.81 -4.46
CA SER A 382 -15.04 -5.22 -4.67
C SER A 382 -16.17 -6.07 -4.09
N SER A 383 -16.38 -5.99 -2.77
CA SER A 383 -17.24 -6.91 -2.06
C SER A 383 -18.50 -6.21 -1.57
N SER A 384 -19.66 -6.80 -1.87
CA SER A 384 -20.96 -6.24 -1.48
C SER A 384 -21.17 -6.37 0.03
N VAL A 385 -20.57 -7.40 0.64
CA VAL A 385 -20.70 -7.65 2.07
C VAL A 385 -20.08 -6.46 2.82
N VAL A 386 -18.99 -5.91 2.28
CA VAL A 386 -18.34 -4.75 2.86
C VAL A 386 -19.29 -3.55 2.79
N ARG A 387 -20.00 -3.43 1.66
CA ARG A 387 -20.99 -2.36 1.47
C ARG A 387 -22.11 -2.51 2.51
N ARG A 388 -22.52 -3.75 2.78
CA ARG A 388 -23.54 -4.04 3.77
C ARG A 388 -23.03 -3.71 5.17
N ALA A 389 -21.76 -4.06 5.45
CA ALA A 389 -21.16 -3.84 6.76
C ALA A 389 -20.99 -2.35 7.02
N PHE A 390 -20.47 -1.61 6.02
CA PHE A 390 -20.36 -0.17 6.11
C PHE A 390 -21.76 0.46 6.17
N GLY A 391 -22.73 -0.18 5.50
CA GLY A 391 -24.13 0.22 5.60
C GLY A 391 -24.63 0.16 7.04
N ARG A 392 -24.31 -0.94 7.74
CA ARG A 392 -24.66 -1.11 9.14
C ARG A 392 -23.93 -0.08 9.99
N GLY A 393 -22.63 0.12 9.71
CA GLY A 393 -21.83 1.11 10.41
C GLY A 393 -22.39 2.52 10.25
N LEU A 394 -22.82 2.86 9.03
CA LEU A 394 -23.40 4.16 8.73
C LEU A 394 -24.78 4.27 9.38
N GLN A 395 -25.50 3.13 9.47
CA GLN A 395 -26.79 3.09 10.14
C GLN A 395 -26.64 3.43 11.62
N VAL A 396 -25.56 2.93 12.25
CA VAL A 396 -25.26 3.23 13.64
C VAL A 396 -24.82 4.69 13.72
N LEU A 397 -23.80 5.06 12.92
CA LEU A 397 -23.26 6.40 12.92
C LEU A 397 -24.22 7.33 12.15
#